data_3NVM
#
_entry.id   3NVM
#
_cell.length_a   100.623
_cell.length_b   100.623
_cell.length_c   265.355
_cell.angle_alpha   90.00
_cell.angle_beta   90.00
_cell.angle_gamma   120.00
#
_symmetry.space_group_name_H-M   'P 31 1 2'
#
loop_
_entity.id
_entity.type
_entity.pdbx_description
1 polymer 'NOP5/NOP56 related protein'
2 polymer "Fibrillarin-like rRNA/tRNA 2'-O-methyltransferase"
#
loop_
_entity_poly.entity_id
_entity_poly.type
_entity_poly.pdbx_seq_one_letter_code
_entity_poly.pdbx_strand_id
1 'polypeptide(L)'
;MHHHHHHVMIMKAFISENVRGIYAFDENGNLIEKRYFTDKPEKVLDQLLKGEITKDLEELLNSLKEKGYDEFVFEHPELS
RRAKELGFSATTEFPNIAGERLRSNPEEFLGENWFEEYYKVGVALTRMRIQEQSGARDKMVIQAIEALDDINLLVARLRE
WYSLHFPELDELLPKHPQYVAFVKTVGHRDNINEEVLRELGLSEEKIKKILEAKEKTMGAWMDQTDIEVVRQLAEEIQLR
KKLEDYIDRAMDDVAPNLKALVGAKLAARLISLAGGLRELAMMPSSTIQVLGAEKALFRHLRTGAKPPKHGVIYQYPAIN
RSPWWQRGKIARALAGKLAIAARVDYFSGEYIAEELKKELEARIREIKEKY
;
A
2 'polypeptide(L)'
;MHHHHHHMVEVKKHKFPGVYVVIDDDGSEKIATKNLVPGQRVYGERVIKWEGEEYRIWNPHRSKLGAAIVNGLKNFPIKP
GKSVLYLGIASGTTASHVSDIVGWEGKIYGIEFSPRVLRELVPIVEERRNIIPILGDATKPEEYRALVTKVDVIFEDVAQ
PTQAKILIDNAKAYLKRGGYGMIAVKSRSIDVTKEPEQVFKEVERELSEYFEVIERLNLEPYEKDHALFVVRKP
;
B
#
# COMPACT_ATOMS: atom_id res chain seq x y z
N PHE A 14 0.16 4.64 -25.47
CA PHE A 14 1.01 3.46 -25.70
C PHE A 14 0.85 2.27 -24.74
N ILE A 15 1.75 2.15 -23.78
CA ILE A 15 1.86 0.88 -23.05
C ILE A 15 1.07 0.77 -21.73
N SER A 16 0.17 -0.20 -21.67
CA SER A 16 -0.56 -0.48 -20.43
C SER A 16 -0.65 -1.97 -20.15
N GLU A 17 -1.26 -2.32 -19.02
CA GLU A 17 -1.28 -3.69 -18.56
C GLU A 17 -2.65 -4.16 -18.06
N ASN A 18 -2.86 -5.47 -18.11
CA ASN A 18 -4.04 -6.11 -17.54
C ASN A 18 -3.77 -7.57 -17.20
N VAL A 19 -4.82 -8.28 -16.81
CA VAL A 19 -4.70 -9.65 -16.36
C VAL A 19 -4.20 -10.57 -17.46
N ARG A 20 -4.10 -10.08 -18.69
CA ARG A 20 -3.72 -10.96 -19.79
C ARG A 20 -2.31 -10.74 -20.31
N GLY A 21 -1.87 -9.48 -20.26
CA GLY A 21 -0.56 -9.10 -20.76
C GLY A 21 -0.38 -7.59 -20.86
N ILE A 22 0.72 -7.18 -21.48
CA ILE A 22 1.02 -5.77 -21.73
C ILE A 22 0.49 -5.43 -23.11
N TYR A 23 -0.33 -4.39 -23.23
CA TYR A 23 -0.78 -3.99 -24.55
C TYR A 23 -0.14 -2.70 -25.06
N ALA A 24 -0.03 -2.60 -26.38
CA ALA A 24 0.60 -1.45 -27.06
C ALA A 24 -0.41 -0.72 -27.96
N PHE A 25 -0.48 0.60 -27.86
CA PHE A 25 -1.52 1.35 -28.58
C PHE A 25 -1.07 2.58 -29.38
N ASP A 26 -1.55 2.69 -30.61
CA ASP A 26 -1.34 3.90 -31.41
C ASP A 26 -2.11 5.13 -30.88
N GLU A 27 -1.58 6.31 -31.18
CA GLU A 27 -2.16 7.59 -30.79
C GLU A 27 -3.69 7.64 -30.86
N ASN A 28 -4.28 6.77 -31.68
CA ASN A 28 -5.72 6.77 -31.91
C ASN A 28 -6.42 5.56 -31.30
N GLY A 29 -5.69 4.73 -30.56
CA GLY A 29 -6.30 3.62 -29.85
C GLY A 29 -6.58 2.31 -30.56
N ASN A 30 -6.00 2.07 -31.72
CA ASN A 30 -6.06 0.76 -32.35
C ASN A 30 -4.98 -0.10 -31.73
N LEU A 31 -5.07 -1.42 -31.82
CA LEU A 31 -4.04 -2.23 -31.14
C LEU A 31 -2.79 -2.38 -31.98
N ILE A 32 -1.65 -1.99 -31.43
CA ILE A 32 -0.40 -2.07 -32.17
C ILE A 32 0.17 -3.48 -32.07
N GLU A 33 0.60 -3.82 -30.87
CA GLU A 33 1.07 -5.15 -30.54
C GLU A 33 0.66 -5.48 -29.10
N LYS A 34 0.41 -6.77 -28.88
CA LYS A 34 0.18 -7.28 -27.54
C LYS A 34 1.15 -8.46 -27.30
N ARG A 35 1.20 -8.94 -26.06
CA ARG A 35 2.03 -10.08 -25.70
C ARG A 35 1.51 -10.52 -24.35
N TYR A 36 1.20 -11.81 -24.22
CA TYR A 36 0.62 -12.32 -22.99
C TYR A 36 1.68 -12.69 -21.95
N PHE A 37 1.30 -12.65 -20.67
CA PHE A 37 2.22 -13.00 -19.59
C PHE A 37 2.69 -14.45 -19.69
N THR A 38 4.00 -14.65 -19.90
CA THR A 38 4.55 -15.99 -19.98
C THR A 38 4.62 -16.67 -18.61
N ASP A 39 5.03 -15.91 -17.58
CA ASP A 39 5.03 -16.39 -16.19
C ASP A 39 3.72 -16.00 -15.49
N LYS A 40 3.37 -16.68 -14.41
CA LYS A 40 2.15 -16.33 -13.66
C LYS A 40 1.92 -14.82 -13.61
N PRO A 41 0.76 -14.37 -14.09
CA PRO A 41 0.31 -12.98 -14.00
C PRO A 41 0.58 -12.35 -12.63
N GLU A 42 0.22 -13.06 -11.58
CA GLU A 42 0.46 -12.60 -10.22
C GLU A 42 1.95 -12.36 -9.96
N LYS A 43 2.80 -13.10 -10.65
CA LYS A 43 4.23 -12.87 -10.50
C LYS A 43 4.66 -11.63 -11.28
N VAL A 44 4.02 -11.40 -12.42
CA VAL A 44 4.47 -10.33 -13.31
C VAL A 44 3.89 -8.97 -12.93
N LEU A 45 2.59 -8.92 -12.69
CA LEU A 45 1.93 -7.68 -12.30
C LEU A 45 2.61 -7.05 -11.11
N ASP A 46 2.85 -7.87 -10.08
CA ASP A 46 3.48 -7.42 -8.86
C ASP A 46 4.74 -6.62 -9.16
N GLN A 47 5.31 -6.84 -10.34
CA GLN A 47 6.48 -6.11 -10.79
C GLN A 47 6.12 -4.91 -11.67
N LEU A 48 5.44 -5.18 -12.79
CA LEU A 48 5.06 -4.07 -13.65
C LEU A 48 4.25 -3.02 -12.87
N LEU A 49 3.18 -3.43 -12.21
CA LEU A 49 2.34 -2.50 -11.46
C LEU A 49 3.19 -1.60 -10.57
N LYS A 50 4.16 -2.20 -9.89
CA LYS A 50 5.05 -1.47 -8.97
C LYS A 50 5.99 -0.54 -9.72
N GLY A 51 6.29 -0.89 -10.98
CA GLY A 51 7.14 -0.08 -11.82
C GLY A 51 8.38 -0.79 -12.28
N GLU A 52 8.50 -2.07 -11.98
CA GLU A 52 9.64 -2.88 -12.39
C GLU A 52 9.38 -3.48 -13.78
N ILE A 53 10.44 -3.68 -14.54
CA ILE A 53 10.33 -4.18 -15.91
C ILE A 53 10.59 -5.68 -15.98
N THR A 54 9.63 -6.41 -16.51
CA THR A 54 9.76 -7.85 -16.64
C THR A 54 10.09 -8.20 -18.07
N LYS A 55 10.46 -9.46 -18.29
CA LYS A 55 10.89 -9.95 -19.60
C LYS A 55 9.87 -9.70 -20.74
N ASP A 56 8.58 -9.71 -20.42
CA ASP A 56 7.54 -9.47 -21.42
C ASP A 56 7.44 -7.99 -21.81
N LEU A 57 7.76 -7.10 -20.86
CA LEU A 57 7.71 -5.66 -21.11
C LEU A 57 8.95 -5.19 -21.84
N GLU A 58 9.99 -6.03 -21.87
CA GLU A 58 11.20 -5.72 -22.62
C GLU A 58 11.07 -6.26 -24.04
N GLU A 59 10.58 -7.49 -24.14
CA GLU A 59 10.43 -8.11 -25.44
C GLU A 59 9.45 -7.34 -26.31
N LEU A 60 8.38 -6.83 -25.69
CA LEU A 60 7.43 -6.01 -26.43
C LEU A 60 8.02 -4.64 -26.74
N LEU A 61 8.94 -4.17 -25.91
CA LEU A 61 9.56 -2.87 -26.13
C LEU A 61 10.47 -2.93 -27.32
N ASN A 62 11.07 -4.09 -27.51
CA ASN A 62 11.94 -4.31 -28.65
C ASN A 62 11.16 -4.54 -29.96
N SER A 63 10.19 -5.46 -29.94
CA SER A 63 9.41 -5.72 -31.15
C SER A 63 8.59 -4.49 -31.59
N LEU A 64 8.22 -3.64 -30.62
CA LEU A 64 7.52 -2.40 -30.93
C LEU A 64 8.48 -1.46 -31.63
N LYS A 65 9.76 -1.57 -31.28
CA LYS A 65 10.79 -0.70 -31.82
C LYS A 65 11.10 -1.11 -33.25
N GLU A 66 11.28 -2.41 -33.46
CA GLU A 66 11.60 -2.94 -34.77
C GLU A 66 10.35 -2.91 -35.64
N LYS A 67 9.31 -2.27 -35.12
CA LYS A 67 8.14 -1.94 -35.95
C LYS A 67 8.22 -0.47 -36.33
N GLY A 68 9.20 0.21 -35.74
CA GLY A 68 9.51 1.58 -36.09
C GLY A 68 8.96 2.60 -35.12
N TYR A 69 9.21 2.38 -33.83
CA TYR A 69 8.77 3.33 -32.81
C TYR A 69 9.95 3.79 -31.95
N ASP A 70 9.90 5.05 -31.55
CA ASP A 70 10.95 5.64 -30.72
C ASP A 70 10.32 6.31 -29.52
N GLU A 71 8.99 6.47 -29.57
CA GLU A 71 8.20 7.08 -28.51
C GLU A 71 7.64 6.00 -27.60
N PHE A 72 7.59 6.25 -26.30
CA PHE A 72 6.93 5.32 -25.39
C PHE A 72 6.25 6.03 -24.24
N VAL A 73 5.02 5.63 -23.93
CA VAL A 73 4.35 6.15 -22.76
C VAL A 73 3.75 5.04 -21.88
N PHE A 74 4.21 4.99 -20.63
CA PHE A 74 3.79 3.99 -19.64
C PHE A 74 2.93 4.65 -18.59
N GLU A 75 2.14 3.86 -17.87
CA GLU A 75 1.25 4.42 -16.86
C GLU A 75 1.93 4.70 -15.50
N HIS A 76 3.04 4.03 -15.21
CA HIS A 76 3.75 4.25 -13.95
C HIS A 76 5.10 4.91 -14.15
N PRO A 77 5.27 6.13 -13.64
CA PRO A 77 6.49 6.94 -13.82
C PRO A 77 7.80 6.22 -13.46
N GLU A 78 7.71 5.11 -12.74
CA GLU A 78 8.91 4.33 -12.49
C GLU A 78 9.25 3.51 -13.73
N LEU A 79 8.27 2.75 -14.22
CA LEU A 79 8.43 1.96 -15.44
C LEU A 79 9.12 2.79 -16.53
N SER A 80 8.58 3.97 -16.77
CA SER A 80 9.05 4.85 -17.85
C SER A 80 10.36 5.58 -17.50
N ARG A 81 10.83 5.42 -16.27
CA ARG A 81 12.12 5.99 -15.89
C ARG A 81 13.20 4.93 -16.04
N ARG A 82 12.82 3.69 -15.84
CA ARG A 82 13.74 2.57 -16.00
C ARG A 82 13.73 2.17 -17.45
N ALA A 83 12.72 2.62 -18.19
CA ALA A 83 12.61 2.35 -19.62
C ALA A 83 13.65 3.14 -20.42
N LYS A 84 13.97 4.34 -19.93
CA LYS A 84 14.95 5.22 -20.58
C LYS A 84 16.40 5.06 -20.06
N GLU A 85 16.55 4.56 -18.85
CA GLU A 85 17.88 4.18 -18.41
C GLU A 85 18.21 2.85 -19.06
N LEU A 86 17.36 2.45 -19.99
CA LEU A 86 17.51 1.21 -20.72
C LEU A 86 17.81 1.57 -22.17
N GLY A 87 17.51 2.80 -22.52
CA GLY A 87 17.66 3.28 -23.88
C GLY A 87 16.42 3.98 -24.37
N PHE A 88 15.32 3.24 -24.44
CA PHE A 88 14.07 3.75 -24.99
C PHE A 88 13.68 5.09 -24.37
N SER A 89 13.39 6.09 -25.21
CA SER A 89 12.88 7.35 -24.70
C SER A 89 11.47 7.12 -24.20
N ALA A 90 11.19 7.55 -22.99
CA ALA A 90 9.92 7.25 -22.36
C ALA A 90 9.35 8.46 -21.63
N THR A 91 8.12 8.80 -21.95
CA THR A 91 7.36 9.77 -21.18
C THR A 91 6.41 9.00 -20.29
N THR A 92 5.97 9.62 -19.20
CA THR A 92 5.05 8.96 -18.27
C THR A 92 3.75 9.74 -18.01
N GLU A 93 2.63 9.23 -18.53
CA GLU A 93 1.33 9.90 -18.45
C GLU A 93 0.24 8.92 -18.03
N PHE A 94 -0.57 9.31 -17.04
CA PHE A 94 -1.64 8.48 -16.48
C PHE A 94 -2.95 9.27 -16.39
N PRO A 95 -4.07 8.66 -16.79
CA PRO A 95 -4.15 7.32 -17.40
C PRO A 95 -3.90 7.41 -18.91
N ASN A 96 -2.85 6.76 -19.40
CA ASN A 96 -2.51 6.78 -20.83
C ASN A 96 -3.55 6.10 -21.70
N ILE A 97 -3.67 6.53 -22.95
CA ILE A 97 -4.73 6.05 -23.82
C ILE A 97 -4.71 4.53 -24.01
N ALA A 98 -3.68 3.88 -23.48
CA ALA A 98 -3.58 2.43 -23.59
C ALA A 98 -4.49 1.76 -22.58
N GLY A 99 -4.37 2.18 -21.32
CA GLY A 99 -5.19 1.64 -20.26
C GLY A 99 -6.60 2.18 -20.33
N GLU A 100 -6.72 3.41 -20.84
CA GLU A 100 -8.04 4.03 -21.02
C GLU A 100 -8.78 3.27 -22.09
N ARG A 101 -8.02 2.48 -22.83
CA ARG A 101 -8.55 1.65 -23.91
C ARG A 101 -8.79 0.23 -23.39
N LEU A 102 -7.92 -0.21 -22.47
CA LEU A 102 -8.01 -1.55 -21.88
C LEU A 102 -9.19 -1.70 -20.94
N ARG A 103 -9.32 -0.76 -20.01
CA ARG A 103 -10.36 -0.84 -19.00
C ARG A 103 -11.74 -0.54 -19.58
N SER A 104 -11.83 0.47 -20.42
CA SER A 104 -13.11 0.86 -20.98
C SER A 104 -13.67 -0.25 -21.87
N ASN A 105 -12.82 -1.18 -22.28
CA ASN A 105 -13.26 -2.28 -23.11
C ASN A 105 -12.68 -3.64 -22.74
N PRO A 106 -12.80 -4.04 -21.46
CA PRO A 106 -12.19 -5.32 -21.08
C PRO A 106 -12.62 -6.46 -21.99
N GLU A 107 -13.92 -6.60 -22.23
CA GLU A 107 -14.41 -7.74 -23.00
C GLU A 107 -13.84 -7.78 -24.42
N GLU A 108 -13.49 -6.61 -24.95
CA GLU A 108 -13.03 -6.56 -26.33
C GLU A 108 -11.83 -7.44 -26.45
N PHE A 109 -10.89 -7.22 -25.54
CA PHE A 109 -9.61 -7.92 -25.50
C PHE A 109 -9.71 -9.31 -24.84
N LEU A 110 -10.44 -9.36 -23.73
CA LEU A 110 -10.42 -10.53 -22.84
C LEU A 110 -11.39 -11.65 -23.22
N GLY A 111 -12.64 -11.27 -23.49
CA GLY A 111 -13.65 -12.25 -23.84
C GLY A 111 -14.85 -11.95 -22.99
N GLU A 112 -15.84 -12.82 -23.00
CA GLU A 112 -17.05 -12.50 -22.28
C GLU A 112 -16.81 -12.48 -20.78
N ASN A 113 -16.31 -13.59 -20.25
CA ASN A 113 -16.11 -13.71 -18.82
C ASN A 113 -14.94 -12.89 -18.31
N TRP A 114 -14.66 -11.77 -18.96
CA TRP A 114 -13.48 -11.00 -18.61
C TRP A 114 -13.36 -10.76 -17.13
N PHE A 115 -14.49 -10.56 -16.46
CA PHE A 115 -14.44 -10.28 -15.03
C PHE A 115 -13.84 -11.44 -14.28
N GLU A 116 -14.51 -12.59 -14.31
CA GLU A 116 -13.94 -13.80 -13.72
C GLU A 116 -12.41 -13.78 -13.81
N GLU A 117 -11.91 -13.37 -14.96
CA GLU A 117 -10.48 -13.31 -15.16
C GLU A 117 -9.79 -12.21 -14.37
N TYR A 118 -10.45 -11.09 -14.13
CA TYR A 118 -9.87 -10.06 -13.27
C TYR A 118 -9.90 -10.49 -11.78
N TYR A 119 -10.61 -11.57 -11.49
CA TYR A 119 -10.79 -12.04 -10.13
C TYR A 119 -9.86 -13.21 -9.84
N LYS A 120 -9.98 -14.26 -10.64
CA LYS A 120 -9.00 -15.33 -10.62
C LYS A 120 -7.61 -14.80 -10.26
N VAL A 121 -7.13 -13.88 -11.09
CA VAL A 121 -5.82 -13.27 -10.92
C VAL A 121 -5.86 -12.17 -9.86
N GLY A 122 -7.01 -11.57 -9.63
CA GLY A 122 -7.15 -10.61 -8.57
C GLY A 122 -6.77 -11.27 -7.25
N VAL A 123 -7.41 -12.41 -6.97
CA VAL A 123 -7.19 -13.16 -5.75
C VAL A 123 -5.74 -13.65 -5.70
N ALA A 124 -5.37 -14.49 -6.65
CA ALA A 124 -4.01 -15.05 -6.68
C ALA A 124 -2.95 -14.10 -6.15
N LEU A 125 -2.82 -12.93 -6.78
CA LEU A 125 -1.86 -11.90 -6.36
C LEU A 125 -1.99 -11.46 -4.91
N THR A 126 -3.22 -11.37 -4.41
CA THR A 126 -3.40 -10.99 -3.02
C THR A 126 -2.80 -12.05 -2.11
N ARG A 127 -3.26 -13.29 -2.26
CA ARG A 127 -2.73 -14.41 -1.47
C ARG A 127 -1.19 -14.48 -1.51
N MET A 128 -0.62 -13.94 -2.57
CA MET A 128 0.82 -13.77 -2.65
C MET A 128 1.20 -12.75 -1.60
N ARG A 129 0.85 -11.50 -1.89
CA ARG A 129 1.25 -10.35 -1.08
C ARG A 129 0.93 -10.46 0.43
N ILE A 130 0.05 -11.40 0.77
CA ILE A 130 -0.45 -11.51 2.12
C ILE A 130 0.08 -12.73 2.85
N GLN A 131 0.85 -12.49 3.91
CA GLN A 131 1.47 -13.55 4.70
C GLN A 131 0.44 -14.29 5.54
N GLU A 132 0.55 -15.61 5.61
CA GLU A 132 -0.36 -16.42 6.43
C GLU A 132 -0.36 -15.98 7.90
N GLN A 133 -1.53 -16.03 8.52
CA GLN A 133 -1.66 -15.65 9.90
C GLN A 133 -0.72 -16.49 10.74
N SER A 134 0.00 -15.85 11.67
CA SER A 134 0.96 -16.56 12.53
C SER A 134 0.90 -16.08 13.97
N GLY A 135 0.84 -17.04 14.90
CA GLY A 135 0.72 -16.72 16.31
C GLY A 135 1.60 -15.61 16.82
N ALA A 136 2.89 -15.65 16.45
CA ALA A 136 3.86 -14.67 16.93
C ALA A 136 4.85 -14.36 15.83
N ARG A 137 4.53 -13.36 15.03
CA ARG A 137 5.47 -12.87 14.03
C ARG A 137 6.27 -11.73 14.65
N ASP A 138 5.69 -11.06 15.66
CA ASP A 138 6.38 -9.98 16.33
C ASP A 138 7.64 -10.58 16.87
N LYS A 139 7.59 -11.87 17.18
CA LYS A 139 8.75 -12.56 17.75
C LYS A 139 9.76 -12.84 16.66
N MET A 140 9.27 -13.26 15.49
CA MET A 140 10.10 -13.42 14.28
C MET A 140 10.80 -12.13 13.90
N VAL A 141 10.18 -10.98 14.19
CA VAL A 141 10.79 -9.69 13.89
C VAL A 141 11.89 -9.39 14.90
N ILE A 142 11.58 -9.56 16.17
CA ILE A 142 12.55 -9.31 17.23
C ILE A 142 13.85 -10.04 16.90
N GLN A 143 13.74 -11.32 16.62
CA GLN A 143 14.85 -12.11 16.08
C GLN A 143 15.60 -11.40 14.96
N ALA A 144 14.99 -11.36 13.78
CA ALA A 144 15.62 -10.70 12.64
C ALA A 144 16.16 -9.31 12.98
N ILE A 145 15.54 -8.62 13.95
CA ILE A 145 16.14 -7.37 14.39
C ILE A 145 17.40 -7.67 15.15
N GLU A 146 17.32 -8.64 16.08
CA GLU A 146 18.47 -9.10 16.87
C GLU A 146 19.63 -9.54 15.97
N ALA A 147 19.31 -10.22 14.88
CA ALA A 147 20.34 -10.63 13.94
C ALA A 147 20.98 -9.43 13.25
N LEU A 148 20.18 -8.58 12.63
CA LEU A 148 20.69 -7.37 12.00
C LEU A 148 21.70 -6.57 12.85
N ASP A 149 21.68 -6.83 14.16
CA ASP A 149 22.59 -6.24 15.12
C ASP A 149 23.88 -7.01 15.16
N ASP A 150 23.80 -8.31 14.94
CA ASP A 150 24.99 -9.16 14.98
C ASP A 150 25.76 -9.02 13.67
N ILE A 151 25.05 -9.01 12.54
CA ILE A 151 25.63 -8.62 11.25
C ILE A 151 26.17 -7.20 11.32
N ASN A 152 25.63 -6.31 12.14
CA ASN A 152 26.25 -4.99 12.14
C ASN A 152 27.72 -5.15 12.54
N LEU A 153 27.93 -6.00 13.55
CA LEU A 153 29.28 -6.27 14.07
C LEU A 153 30.21 -6.91 13.05
N LEU A 154 29.71 -7.84 12.25
CA LEU A 154 30.53 -8.50 11.23
C LEU A 154 31.03 -7.49 10.21
N VAL A 155 30.13 -6.59 9.82
CA VAL A 155 30.47 -5.56 8.85
C VAL A 155 31.54 -4.66 9.45
N ALA A 156 31.36 -4.31 10.73
CA ALA A 156 32.34 -3.44 11.38
C ALA A 156 33.70 -4.14 11.37
N ARG A 157 33.65 -5.45 11.60
CA ARG A 157 34.82 -6.32 11.64
C ARG A 157 35.59 -6.43 10.33
N LEU A 158 34.90 -6.43 9.18
CA LEU A 158 35.63 -6.54 7.91
C LEU A 158 36.64 -5.41 7.70
N ARG A 159 36.21 -4.21 8.06
CA ARG A 159 36.94 -2.95 7.98
C ARG A 159 38.47 -3.17 7.98
N GLU A 160 39.09 -3.29 9.15
CA GLU A 160 40.54 -3.45 9.22
C GLU A 160 41.08 -4.58 8.33
N TRP A 161 40.20 -5.51 7.94
CA TRP A 161 40.62 -6.74 7.27
C TRP A 161 40.93 -6.55 5.78
N TYR A 162 39.93 -6.45 4.92
CA TYR A 162 40.13 -6.13 3.50
C TYR A 162 41.21 -5.08 3.31
N SER A 163 41.66 -4.55 4.46
CA SER A 163 42.57 -3.41 4.56
C SER A 163 44.00 -3.79 4.98
N LEU A 164 44.11 -4.78 5.84
CA LEU A 164 45.42 -5.34 6.20
C LEU A 164 46.28 -5.43 4.97
N HIS A 165 45.61 -5.73 3.85
CA HIS A 165 46.24 -5.82 2.55
C HIS A 165 46.03 -4.53 1.75
N PHE A 166 45.07 -3.72 2.18
CA PHE A 166 44.80 -2.46 1.48
C PHE A 166 44.07 -1.41 2.32
N PRO A 167 44.84 -0.56 3.04
CA PRO A 167 44.33 0.44 3.98
C PRO A 167 43.66 1.62 3.29
N GLU A 168 44.07 1.91 2.06
CA GLU A 168 43.56 3.07 1.34
C GLU A 168 42.04 3.06 1.18
N LEU A 169 41.54 2.05 0.48
CA LEU A 169 40.12 1.92 0.19
C LEU A 169 39.21 2.49 1.27
N ASP A 170 39.41 2.05 2.51
CA ASP A 170 38.54 2.41 3.63
C ASP A 170 38.01 3.84 3.53
N GLU A 171 38.92 4.78 3.33
CA GLU A 171 38.59 6.20 3.26
C GLU A 171 37.82 6.52 1.97
N LEU A 172 38.21 5.87 0.88
CA LEU A 172 37.60 6.08 -0.43
C LEU A 172 36.13 5.65 -0.51
N LEU A 173 35.85 4.40 -0.21
CA LEU A 173 34.47 3.93 -0.16
C LEU A 173 34.00 3.83 1.29
N PRO A 174 33.13 4.76 1.70
CA PRO A 174 32.57 4.78 3.05
C PRO A 174 31.31 3.90 3.18
N LYS A 175 30.51 3.87 2.12
CA LYS A 175 29.23 3.16 2.11
C LYS A 175 29.41 1.65 1.95
N HIS A 176 29.05 0.90 2.97
CA HIS A 176 29.33 -0.53 3.01
C HIS A 176 29.01 -1.28 1.71
N PRO A 177 27.76 -1.20 1.23
CA PRO A 177 27.39 -1.90 -0.01
C PRO A 177 28.16 -1.45 -1.28
N GLN A 178 28.57 -0.20 -1.33
CA GLN A 178 29.37 0.30 -2.45
C GLN A 178 30.76 -0.32 -2.33
N TYR A 179 31.13 -0.59 -1.10
CA TYR A 179 32.49 -1.00 -0.72
C TYR A 179 32.69 -2.49 -0.91
N VAL A 180 31.82 -3.28 -0.30
CA VAL A 180 31.85 -4.75 -0.41
C VAL A 180 31.82 -5.16 -1.88
N ALA A 181 31.71 -4.17 -2.76
CA ALA A 181 31.76 -4.39 -4.20
C ALA A 181 33.15 -4.80 -4.62
N PHE A 182 34.15 -4.14 -4.04
CA PHE A 182 35.54 -4.35 -4.41
C PHE A 182 36.00 -5.77 -4.07
N VAL A 183 35.82 -6.13 -2.80
CA VAL A 183 36.18 -7.46 -2.32
C VAL A 183 35.48 -8.54 -3.14
N LYS A 184 34.19 -8.70 -2.89
CA LYS A 184 33.37 -9.72 -3.52
C LYS A 184 33.82 -10.08 -4.93
N THR A 185 34.18 -9.08 -5.72
CA THR A 185 34.46 -9.28 -7.14
C THR A 185 35.93 -9.42 -7.51
N VAL A 186 36.80 -8.71 -6.80
CA VAL A 186 38.22 -8.71 -7.14
C VAL A 186 39.13 -9.42 -6.12
N GLY A 187 39.02 -9.04 -4.85
CA GLY A 187 39.87 -9.56 -3.80
C GLY A 187 41.25 -8.92 -3.73
N HIS A 188 42.15 -9.35 -4.62
CA HIS A 188 43.56 -9.01 -4.52
C HIS A 188 43.89 -7.64 -5.12
N ARG A 189 44.82 -6.94 -4.48
CA ARG A 189 45.29 -5.66 -4.99
C ARG A 189 45.63 -5.75 -6.48
N ASP A 190 46.27 -6.86 -6.87
CA ASP A 190 46.78 -7.02 -8.24
C ASP A 190 45.75 -7.55 -9.23
N ASN A 191 44.51 -7.67 -8.77
CA ASN A 191 43.42 -8.07 -9.65
C ASN A 191 42.77 -6.85 -10.29
N ILE A 192 43.46 -5.71 -10.23
CA ILE A 192 42.88 -4.46 -10.69
C ILE A 192 43.05 -4.19 -12.18
N ASN A 193 41.92 -3.95 -12.84
CA ASN A 193 41.88 -3.50 -14.23
C ASN A 193 41.38 -2.06 -14.32
N GLU A 194 41.91 -1.32 -15.29
CA GLU A 194 41.41 0.01 -15.58
C GLU A 194 40.08 -0.12 -16.30
N GLU A 195 39.85 -1.31 -16.86
CA GLU A 195 38.63 -1.58 -17.61
C GLU A 195 37.56 -2.27 -16.73
N VAL A 196 37.96 -2.74 -15.55
CA VAL A 196 36.99 -3.17 -14.55
C VAL A 196 36.95 -2.17 -13.41
N LEU A 197 37.77 -1.12 -13.55
CA LEU A 197 37.74 0.00 -12.64
C LEU A 197 36.59 0.91 -13.01
N ARG A 198 36.38 1.06 -14.32
CA ARG A 198 35.25 1.80 -14.85
C ARG A 198 33.96 1.14 -14.41
N GLU A 199 33.84 -0.15 -14.72
CA GLU A 199 32.69 -0.95 -14.30
C GLU A 199 32.74 -1.12 -12.78
N LEU A 200 31.56 -1.27 -12.19
CA LEU A 200 31.38 -1.32 -10.73
C LEU A 200 30.77 0.00 -10.24
N GLY A 201 31.00 1.07 -11.01
CA GLY A 201 30.40 2.35 -10.72
C GLY A 201 31.39 3.43 -10.29
N LEU A 202 32.66 3.22 -10.60
CA LEU A 202 33.71 4.15 -10.20
C LEU A 202 33.81 5.36 -11.13
N SER A 203 33.95 6.53 -10.52
CA SER A 203 34.16 7.79 -11.23
C SER A 203 35.55 7.81 -11.89
N GLU A 204 35.83 8.86 -12.65
CA GLU A 204 37.16 9.00 -13.25
C GLU A 204 38.23 9.20 -12.18
N GLU A 205 37.90 10.00 -11.18
CA GLU A 205 38.78 10.20 -10.04
C GLU A 205 39.04 8.86 -9.35
N LYS A 206 37.98 8.07 -9.22
CA LYS A 206 38.06 6.75 -8.60
C LYS A 206 38.65 5.72 -9.57
N ILE A 207 38.95 6.14 -10.79
CA ILE A 207 39.58 5.26 -11.76
C ILE A 207 41.11 5.43 -11.70
N LYS A 208 41.54 6.44 -10.93
CA LYS A 208 42.95 6.67 -10.67
C LYS A 208 43.26 6.46 -9.20
N LYS A 209 42.28 6.73 -8.35
CA LYS A 209 42.42 6.51 -6.92
C LYS A 209 42.55 5.01 -6.62
N ILE A 210 42.37 4.19 -7.65
CA ILE A 210 42.43 2.74 -7.51
C ILE A 210 43.43 2.11 -8.47
N LEU A 211 43.79 2.82 -9.53
CA LEU A 211 44.92 2.41 -10.35
C LEU A 211 46.19 2.83 -9.61
N GLU A 212 46.00 3.62 -8.57
CA GLU A 212 47.07 3.99 -7.65
C GLU A 212 47.09 2.96 -6.52
N ALA A 213 46.17 2.01 -6.60
CA ALA A 213 46.06 0.96 -5.59
C ALA A 213 46.99 -0.20 -5.90
N LYS A 214 46.82 -0.82 -7.06
CA LYS A 214 47.61 -1.99 -7.45
C LYS A 214 49.12 -1.74 -7.31
N GLU A 215 49.53 -0.48 -7.39
CA GLU A 215 50.96 -0.15 -7.41
C GLU A 215 51.38 0.89 -6.36
N LYS A 216 50.45 1.34 -5.54
CA LYS A 216 50.77 2.31 -4.48
C LYS A 216 50.26 1.91 -3.10
N THR A 217 51.04 2.25 -2.06
CA THR A 217 50.73 1.95 -0.67
C THR A 217 51.32 0.61 -0.23
N MET A 218 51.37 0.42 1.08
CA MET A 218 51.88 -0.82 1.65
C MET A 218 50.73 -1.66 2.21
N GLY A 219 50.92 -2.98 2.23
CA GLY A 219 49.91 -3.90 2.75
C GLY A 219 50.22 -5.35 2.38
N ALA A 220 50.18 -6.23 3.38
CA ALA A 220 50.69 -7.60 3.26
C ALA A 220 49.88 -8.56 2.39
N TRP A 221 50.10 -8.47 1.08
CA TRP A 221 49.36 -9.29 0.13
C TRP A 221 49.28 -10.76 0.59
N MET A 222 48.28 -11.49 0.06
CA MET A 222 48.07 -12.89 0.41
C MET A 222 47.20 -13.54 -0.66
N ASP A 223 47.28 -14.85 -0.83
CA ASP A 223 46.48 -15.54 -1.85
C ASP A 223 45.37 -16.42 -1.28
N GLN A 224 45.62 -16.97 -0.10
CA GLN A 224 44.65 -17.83 0.53
C GLN A 224 43.73 -16.95 1.35
N THR A 225 44.31 -15.94 2.01
CA THR A 225 43.56 -14.94 2.77
C THR A 225 42.53 -14.25 1.88
N ASP A 226 43.00 -13.76 0.75
CA ASP A 226 42.13 -13.13 -0.22
C ASP A 226 40.81 -13.89 -0.36
N ILE A 227 40.88 -15.22 -0.53
CA ILE A 227 39.68 -16.08 -0.70
C ILE A 227 39.08 -16.55 0.63
N GLU A 228 39.51 -15.93 1.70
CA GLU A 228 38.86 -16.08 2.98
C GLU A 228 37.95 -14.90 3.17
N VAL A 229 38.46 -13.73 2.81
CA VAL A 229 37.72 -12.49 2.96
C VAL A 229 36.59 -12.43 1.95
N VAL A 230 36.87 -12.72 0.69
CA VAL A 230 35.77 -12.71 -0.25
C VAL A 230 34.62 -13.61 0.25
N ARG A 231 34.95 -14.74 0.89
CA ARG A 231 33.92 -15.64 1.46
C ARG A 231 33.20 -14.97 2.60
N GLN A 232 33.85 -14.00 3.21
CA GLN A 232 33.24 -13.21 4.25
C GLN A 232 32.25 -12.17 3.73
N LEU A 233 32.55 -11.57 2.60
CA LEU A 233 31.65 -10.57 2.05
C LEU A 233 30.44 -11.25 1.47
N ALA A 234 30.65 -12.46 0.96
CA ALA A 234 29.56 -13.24 0.38
C ALA A 234 28.49 -13.44 1.43
N GLU A 235 28.92 -13.82 2.63
CA GLU A 235 28.00 -14.15 3.71
C GLU A 235 27.54 -12.91 4.50
N GLU A 236 28.12 -11.76 4.18
CA GLU A 236 27.78 -10.57 4.93
C GLU A 236 26.63 -9.87 4.26
N ILE A 237 26.70 -9.75 2.95
CA ILE A 237 25.59 -9.16 2.23
C ILE A 237 24.32 -9.91 2.58
N GLN A 238 24.33 -11.21 2.36
CA GLN A 238 23.07 -11.93 2.28
C GLN A 238 22.24 -12.07 3.57
N LEU A 239 22.88 -12.23 4.71
CA LEU A 239 22.11 -12.16 5.93
C LEU A 239 21.65 -10.74 6.16
N ARG A 240 22.42 -9.75 5.71
CA ARG A 240 21.99 -8.37 5.90
C ARG A 240 20.66 -8.07 5.18
N LYS A 241 20.71 -7.99 3.85
CA LYS A 241 19.52 -7.79 3.02
C LYS A 241 18.33 -8.48 3.62
N LYS A 242 18.31 -9.81 3.48
CA LYS A 242 17.30 -10.65 4.13
C LYS A 242 16.73 -9.97 5.36
N LEU A 243 17.53 -9.91 6.41
CA LEU A 243 17.08 -9.26 7.61
C LEU A 243 16.37 -7.92 7.36
N GLU A 244 17.02 -6.98 6.66
CA GLU A 244 16.36 -5.70 6.39
C GLU A 244 15.05 -5.85 5.63
N ASP A 245 15.07 -6.71 4.63
CA ASP A 245 13.92 -6.89 3.75
C ASP A 245 12.81 -7.75 4.31
N TYR A 246 13.12 -8.64 5.23
CA TYR A 246 12.11 -9.46 5.87
C TYR A 246 11.52 -8.62 6.99
N ILE A 247 12.38 -7.90 7.69
CA ILE A 247 11.95 -7.03 8.77
C ILE A 247 10.94 -5.99 8.29
N ASP A 248 11.08 -5.57 7.03
CA ASP A 248 10.13 -4.63 6.46
C ASP A 248 8.83 -5.35 6.06
N ARG A 249 8.91 -6.19 5.04
CA ARG A 249 7.75 -6.91 4.53
C ARG A 249 7.02 -7.75 5.56
N ALA A 250 7.55 -7.86 6.77
CA ALA A 250 6.80 -8.55 7.79
C ALA A 250 6.42 -7.62 8.95
N MET A 251 6.83 -6.36 8.85
CA MET A 251 6.34 -5.31 9.73
C MET A 251 4.99 -4.88 9.21
N ASP A 252 4.65 -5.39 8.04
CA ASP A 252 3.38 -5.03 7.43
C ASP A 252 2.24 -5.88 7.98
N ASP A 253 2.54 -7.12 8.36
CA ASP A 253 1.51 -7.96 8.97
C ASP A 253 1.35 -7.67 10.45
N VAL A 254 2.42 -7.30 11.11
CA VAL A 254 2.39 -7.26 12.54
C VAL A 254 2.05 -5.89 13.07
N ALA A 255 2.60 -4.85 12.46
CA ALA A 255 2.38 -3.50 12.98
C ALA A 255 2.53 -2.43 11.91
N PRO A 256 1.66 -2.48 10.90
CA PRO A 256 1.70 -1.51 9.79
C PRO A 256 1.55 -0.08 10.28
N ASN A 257 0.73 0.13 11.30
CA ASN A 257 0.59 1.46 11.90
C ASN A 257 1.91 1.91 12.51
N LEU A 258 2.36 1.15 13.51
CA LEU A 258 3.66 1.39 14.14
C LEU A 258 4.69 1.62 13.08
N LYS A 259 4.61 0.87 11.99
CA LYS A 259 5.59 0.99 10.93
C LYS A 259 5.53 2.33 10.24
N ALA A 260 4.41 2.60 9.57
CA ALA A 260 4.33 3.81 8.77
C ALA A 260 4.49 5.04 9.65
N LEU A 261 4.41 4.85 10.97
CA LEU A 261 4.68 5.97 11.86
C LEU A 261 6.14 6.44 11.83
N VAL A 262 7.07 5.55 12.18
CA VAL A 262 8.49 5.92 12.29
C VAL A 262 9.46 5.05 11.50
N GLY A 263 8.98 4.39 10.45
CA GLY A 263 9.83 3.50 9.68
C GLY A 263 9.97 2.13 10.32
N ALA A 264 9.93 1.09 9.50
CA ALA A 264 9.83 -0.27 10.01
C ALA A 264 10.93 -0.58 11.01
N LYS A 265 12.07 0.10 10.91
CA LYS A 265 13.18 -0.27 11.80
C LYS A 265 12.96 0.19 13.25
N LEU A 266 12.93 1.50 13.45
CA LEU A 266 12.66 2.03 14.78
C LEU A 266 11.39 1.37 15.33
N ALA A 267 10.48 1.05 14.43
CA ALA A 267 9.31 0.25 14.74
C ALA A 267 9.73 -1.06 15.36
N ALA A 268 10.32 -1.90 14.52
CA ALA A 268 10.84 -3.18 14.96
C ALA A 268 11.72 -3.02 16.21
N ARG A 269 12.45 -1.91 16.30
CA ARG A 269 13.27 -1.68 17.48
C ARG A 269 12.39 -1.50 18.72
N LEU A 270 11.24 -0.89 18.53
CA LEU A 270 10.31 -0.67 19.62
C LEU A 270 9.69 -1.98 20.06
N ILE A 271 9.21 -2.76 19.10
CA ILE A 271 8.59 -4.03 19.43
C ILE A 271 9.61 -4.84 20.21
N SER A 272 10.81 -4.96 19.63
CA SER A 272 11.91 -5.69 20.26
C SER A 272 12.25 -5.12 21.64
N LEU A 273 12.43 -3.82 21.72
CA LEU A 273 12.83 -3.16 22.96
C LEU A 273 11.86 -3.45 24.10
N ALA A 274 10.62 -3.72 23.74
CA ALA A 274 9.57 -4.02 24.71
C ALA A 274 9.35 -5.53 24.76
N GLY A 275 9.96 -6.23 23.83
CA GLY A 275 9.95 -7.68 23.85
C GLY A 275 8.60 -8.26 23.48
N GLY A 276 8.14 -7.91 22.28
CA GLY A 276 6.86 -8.37 21.78
C GLY A 276 5.89 -7.24 21.51
N LEU A 277 4.78 -7.58 20.84
CA LEU A 277 3.81 -6.56 20.47
C LEU A 277 2.96 -6.17 21.66
N ARG A 278 2.16 -7.14 22.13
CA ARG A 278 1.35 -7.00 23.33
C ARG A 278 2.04 -6.07 24.31
N GLU A 279 3.21 -6.49 24.77
CA GLU A 279 4.06 -5.71 25.65
C GLU A 279 4.16 -4.22 25.29
N LEU A 280 4.35 -3.94 24.00
CA LEU A 280 4.46 -2.56 23.56
C LEU A 280 3.13 -1.87 23.76
N ALA A 281 2.09 -2.54 23.29
CA ALA A 281 0.72 -2.03 23.38
C ALA A 281 0.39 -1.65 24.81
N MET A 282 0.93 -2.41 25.75
CA MET A 282 0.58 -2.27 27.16
C MET A 282 1.21 -1.00 27.71
N MET A 283 1.96 -0.33 26.85
CA MET A 283 2.77 0.81 27.26
C MET A 283 2.09 2.17 27.08
N PRO A 284 1.96 2.92 28.18
CA PRO A 284 1.54 4.33 28.18
C PRO A 284 2.47 5.21 27.35
N SER A 285 1.99 6.37 26.91
CA SER A 285 2.85 7.34 26.23
C SER A 285 4.16 7.49 26.96
N SER A 286 4.07 7.65 28.27
CA SER A 286 5.25 7.86 29.11
C SER A 286 6.27 6.72 29.05
N THR A 287 5.78 5.49 29.23
CA THR A 287 6.64 4.31 29.19
C THR A 287 7.30 4.18 27.81
N ILE A 288 6.65 4.73 26.79
CA ILE A 288 7.15 4.71 25.42
C ILE A 288 8.09 5.88 25.10
N GLN A 289 7.89 7.01 25.75
CA GLN A 289 8.73 8.18 25.56
C GLN A 289 10.15 7.89 26.03
N VAL A 290 10.29 6.91 26.91
CA VAL A 290 11.59 6.52 27.42
C VAL A 290 12.01 5.11 27.00
N LEU A 291 11.08 4.36 26.41
CA LEU A 291 11.46 3.04 25.91
C LEU A 291 12.57 3.25 24.92
N GLY A 292 13.71 2.63 25.20
CA GLY A 292 14.84 2.74 24.31
C GLY A 292 16.14 2.90 25.05
N ALA A 293 16.12 3.63 26.15
CA ALA A 293 17.38 3.96 26.78
C ALA A 293 17.32 4.41 28.22
N GLU A 294 18.48 4.38 28.85
CA GLU A 294 18.69 4.86 30.20
C GLU A 294 20.19 4.80 30.47
N PRO A 308 25.61 7.98 27.28
CA PRO A 308 24.39 8.42 27.98
C PRO A 308 23.15 8.47 27.08
N LYS A 309 22.68 7.31 26.64
CA LYS A 309 21.50 7.20 25.79
C LYS A 309 20.24 7.50 26.62
N HIS A 310 19.15 7.88 25.94
CA HIS A 310 17.91 8.23 26.64
C HIS A 310 16.69 8.42 25.73
N GLY A 311 16.04 7.31 25.36
CA GLY A 311 14.79 7.35 24.62
C GLY A 311 14.89 7.00 23.15
N VAL A 312 14.86 5.71 22.83
CA VAL A 312 15.08 5.25 21.46
C VAL A 312 14.33 6.09 20.42
N ILE A 313 13.15 6.57 20.77
CA ILE A 313 12.28 7.26 19.83
C ILE A 313 12.78 8.66 19.47
N TYR A 314 13.81 9.11 20.16
CA TYR A 314 14.38 10.43 19.89
C TYR A 314 15.11 10.43 18.56
N GLN A 315 15.32 9.23 18.01
CA GLN A 315 15.96 9.09 16.71
C GLN A 315 15.05 9.61 15.60
N TYR A 316 13.84 9.99 15.97
CA TYR A 316 12.91 10.50 14.99
C TYR A 316 13.48 11.74 14.32
N PRO A 317 13.47 11.75 12.98
CA PRO A 317 13.87 12.89 12.15
C PRO A 317 13.61 14.25 12.79
N ALA A 318 12.35 14.56 13.06
CA ALA A 318 11.97 15.89 13.54
C ALA A 318 12.44 16.20 14.97
N ILE A 319 12.62 15.17 15.79
CA ILE A 319 13.13 15.34 17.15
C ILE A 319 14.62 15.66 17.14
N ASN A 320 15.35 14.98 16.26
CA ASN A 320 16.79 15.14 16.16
C ASN A 320 17.16 16.51 15.59
N ARG A 321 16.51 16.88 14.49
CA ARG A 321 16.78 18.15 13.83
C ARG A 321 16.44 19.35 14.72
N SER A 322 15.83 19.10 15.87
CA SER A 322 15.38 20.18 16.73
C SER A 322 16.30 20.41 17.93
N PRO A 323 16.22 21.61 18.52
CA PRO A 323 17.01 21.96 19.71
C PRO A 323 16.46 21.25 20.94
N TRP A 324 17.35 20.69 21.76
CA TRP A 324 16.96 19.88 22.91
C TRP A 324 15.78 20.46 23.69
N TRP A 325 15.70 21.78 23.78
CA TRP A 325 14.66 22.42 24.58
C TRP A 325 13.26 22.21 24.02
N GLN A 326 13.17 21.78 22.77
CA GLN A 326 11.88 21.55 22.13
C GLN A 326 11.55 20.07 22.03
N ARG A 327 12.59 19.24 22.03
CA ARG A 327 12.42 17.79 21.85
C ARG A 327 11.44 17.17 22.84
N GLY A 328 11.69 17.38 24.13
CA GLY A 328 10.85 16.81 25.18
C GLY A 328 9.37 16.95 24.85
N LYS A 329 9.04 18.04 24.17
CA LYS A 329 7.65 18.34 23.81
C LYS A 329 7.16 17.42 22.69
N ILE A 330 7.87 17.43 21.57
CA ILE A 330 7.50 16.60 20.43
C ILE A 330 7.47 15.13 20.78
N ALA A 331 8.52 14.68 21.47
CA ALA A 331 8.66 13.28 21.86
C ALA A 331 7.41 12.79 22.55
N ARG A 332 6.88 13.63 23.41
CA ARG A 332 5.63 13.36 24.09
C ARG A 332 4.56 13.02 23.07
N ALA A 333 4.42 13.90 22.08
CA ALA A 333 3.41 13.76 21.04
C ALA A 333 3.60 12.49 20.22
N LEU A 334 4.85 12.11 20.00
CA LEU A 334 5.14 10.88 19.27
C LEU A 334 4.66 9.69 20.07
N ALA A 335 5.06 9.63 21.33
CA ALA A 335 4.70 8.51 22.20
C ALA A 335 3.18 8.28 22.26
N GLY A 336 2.43 9.36 22.13
CA GLY A 336 0.98 9.27 22.16
C GLY A 336 0.42 8.60 20.93
N LYS A 337 1.10 8.79 19.80
CA LYS A 337 0.60 8.26 18.55
C LYS A 337 1.15 6.87 18.33
N LEU A 338 2.35 6.61 18.84
CA LEU A 338 2.96 5.29 18.77
C LEU A 338 2.17 4.30 19.62
N ALA A 339 1.66 4.82 20.73
CA ALA A 339 0.81 4.05 21.62
C ALA A 339 -0.40 3.58 20.83
N ILE A 340 -1.16 4.54 20.30
CA ILE A 340 -2.32 4.21 19.50
C ILE A 340 -1.92 3.22 18.44
N ALA A 341 -0.85 3.53 17.71
CA ALA A 341 -0.44 2.70 16.61
C ALA A 341 -0.34 1.29 17.13
N ALA A 342 0.27 1.14 18.30
CA ALA A 342 0.42 -0.16 18.89
C ALA A 342 -0.94 -0.79 19.14
N ARG A 343 -1.81 -0.06 19.84
CA ARG A 343 -3.05 -0.65 20.33
C ARG A 343 -3.78 -1.26 19.15
N VAL A 344 -4.01 -0.45 18.14
CA VAL A 344 -4.75 -0.92 16.97
C VAL A 344 -3.96 -2.05 16.32
N ASP A 345 -2.66 -1.81 16.16
CA ASP A 345 -1.77 -2.81 15.56
C ASP A 345 -1.90 -4.11 16.32
N TYR A 346 -1.88 -4.02 17.63
CA TYR A 346 -1.97 -5.22 18.45
C TYR A 346 -3.22 -5.97 18.03
N PHE A 347 -4.34 -5.26 18.04
CA PHE A 347 -5.65 -5.83 17.85
C PHE A 347 -6.00 -6.14 16.38
N SER A 348 -6.26 -5.08 15.61
CA SER A 348 -6.89 -5.19 14.29
C SER A 348 -5.94 -4.96 13.14
N GLY A 349 -5.07 -3.96 13.34
CA GLY A 349 -4.17 -3.48 12.32
C GLY A 349 -4.90 -2.78 11.20
N GLU A 350 -5.71 -1.79 11.56
CA GLU A 350 -6.36 -0.95 10.58
C GLU A 350 -5.51 0.29 10.37
N TYR A 351 -5.20 0.56 9.11
CA TYR A 351 -4.14 1.52 8.83
C TYR A 351 -4.64 2.94 9.01
N ILE A 352 -4.26 3.54 10.11
CA ILE A 352 -4.77 4.84 10.51
C ILE A 352 -3.57 5.73 10.70
N ALA A 353 -2.47 5.34 10.08
CA ALA A 353 -1.22 6.07 10.21
C ALA A 353 -1.41 7.49 9.72
N GLU A 354 -2.02 7.61 8.56
CA GLU A 354 -2.10 8.91 7.92
C GLU A 354 -2.64 9.96 8.89
N GLU A 355 -3.86 9.76 9.37
CA GLU A 355 -4.47 10.67 10.34
C GLU A 355 -3.44 11.08 11.40
N LEU A 356 -2.77 10.07 11.98
CA LEU A 356 -1.90 10.25 13.16
C LEU A 356 -0.62 10.98 12.80
N LYS A 357 -0.15 10.72 11.59
CA LYS A 357 1.03 11.39 11.06
C LYS A 357 0.62 12.82 10.82
N LYS A 358 -0.58 13.00 10.29
CA LYS A 358 -1.15 14.32 10.10
C LYS A 358 -1.29 15.01 11.45
N GLU A 359 -2.16 14.46 12.31
CA GLU A 359 -2.39 15.00 13.65
C GLU A 359 -1.06 15.45 14.26
N LEU A 360 -0.05 14.60 14.13
CA LEU A 360 1.25 14.85 14.76
C LEU A 360 1.99 16.00 14.09
N GLU A 361 1.97 16.04 12.76
CA GLU A 361 2.62 17.11 12.03
C GLU A 361 1.98 18.46 12.35
N ALA A 362 0.73 18.42 12.81
CA ALA A 362 0.00 19.65 13.13
C ALA A 362 0.22 20.12 14.56
N ARG A 363 0.56 19.18 15.45
CA ARG A 363 0.84 19.52 16.85
C ARG A 363 2.25 20.05 17.04
N ILE A 364 3.11 19.79 16.05
CA ILE A 364 4.51 20.15 16.11
C ILE A 364 4.76 21.57 15.58
N ARG A 365 4.03 21.95 14.53
CA ARG A 365 4.15 23.31 14.01
C ARG A 365 3.78 24.33 15.09
N GLU A 366 2.96 23.91 16.04
CA GLU A 366 2.58 24.77 17.16
C GLU A 366 3.71 24.81 18.18
N ILE A 367 4.53 23.77 18.20
CA ILE A 367 5.69 23.70 19.07
C ILE A 367 6.78 24.67 18.56
N LYS A 368 6.45 25.40 17.51
CA LYS A 368 7.36 26.40 16.94
C LYS A 368 6.65 27.74 16.79
N MET B 8 -43.60 -10.84 16.51
CA MET B 8 -43.70 -10.33 15.15
C MET B 8 -42.32 -10.06 14.54
N VAL B 9 -42.17 -10.38 13.26
CA VAL B 9 -40.91 -10.21 12.54
C VAL B 9 -41.17 -9.99 11.04
N GLU B 10 -41.42 -8.74 10.65
CA GLU B 10 -41.92 -8.42 9.31
C GLU B 10 -40.92 -7.71 8.39
N VAL B 11 -40.86 -8.14 7.13
CA VAL B 11 -39.84 -7.62 6.20
C VAL B 11 -40.37 -7.11 4.85
N LYS B 12 -40.08 -5.85 4.56
CA LYS B 12 -40.60 -5.16 3.39
C LYS B 12 -39.49 -4.51 2.55
N LYS B 13 -39.86 -4.00 1.38
CA LYS B 13 -38.94 -3.25 0.53
C LYS B 13 -38.71 -1.80 1.02
N HIS B 14 -37.52 -1.28 0.72
CA HIS B 14 -37.06 0.04 1.17
C HIS B 14 -37.23 1.03 0.04
N LYS B 15 -37.03 2.32 0.34
CA LYS B 15 -36.90 3.33 -0.70
C LYS B 15 -36.12 2.80 -1.89
N PHE B 16 -34.98 2.14 -1.60
CA PHE B 16 -33.91 1.83 -2.56
C PHE B 16 -33.86 0.37 -3.02
N PRO B 17 -33.43 0.16 -4.27
CA PRO B 17 -33.30 -1.19 -4.84
C PRO B 17 -32.38 -2.02 -3.99
N GLY B 18 -32.71 -3.31 -3.82
CA GLY B 18 -31.87 -4.23 -3.08
C GLY B 18 -31.76 -3.87 -1.61
N VAL B 19 -32.56 -2.90 -1.18
CA VAL B 19 -32.59 -2.51 0.22
C VAL B 19 -33.96 -2.79 0.85
N TYR B 20 -33.93 -3.41 2.03
CA TYR B 20 -35.14 -3.87 2.71
C TYR B 20 -35.25 -3.31 4.11
N VAL B 21 -36.48 -3.08 4.57
CA VAL B 21 -36.68 -2.66 5.96
C VAL B 21 -37.40 -3.76 6.73
N VAL B 22 -37.00 -3.98 7.98
CA VAL B 22 -37.64 -4.98 8.84
C VAL B 22 -38.09 -4.38 10.16
N ILE B 23 -39.15 -4.95 10.72
CA ILE B 23 -39.62 -4.59 12.05
C ILE B 23 -39.86 -5.86 12.86
N ASP B 24 -39.42 -5.87 14.11
CA ASP B 24 -39.45 -7.10 14.88
C ASP B 24 -40.26 -7.00 16.17
N ASP B 25 -39.97 -7.92 17.09
CA ASP B 25 -40.72 -8.07 18.33
C ASP B 25 -40.76 -6.79 19.17
N ASP B 26 -39.73 -5.95 19.03
CA ASP B 26 -39.68 -4.70 19.79
C ASP B 26 -40.38 -3.56 19.06
N GLY B 27 -41.02 -3.88 17.94
CA GLY B 27 -41.83 -2.92 17.22
C GLY B 27 -41.08 -1.76 16.59
N SER B 28 -39.77 -1.93 16.40
CA SER B 28 -38.96 -0.90 15.76
C SER B 28 -38.42 -1.40 14.44
N GLU B 29 -37.96 -0.48 13.60
CA GLU B 29 -37.50 -0.82 12.25
C GLU B 29 -35.98 -0.73 12.09
N LYS B 30 -35.43 -1.63 11.27
CA LYS B 30 -33.99 -1.75 11.08
C LYS B 30 -33.75 -2.10 9.61
N ILE B 31 -32.67 -1.61 9.02
CA ILE B 31 -32.36 -1.91 7.61
C ILE B 31 -31.95 -3.37 7.42
N ALA B 32 -32.06 -3.87 6.18
CA ALA B 32 -31.63 -5.22 5.86
C ALA B 32 -31.45 -5.43 4.37
N THR B 33 -30.41 -6.18 4.00
CA THR B 33 -30.06 -6.43 2.60
C THR B 33 -30.22 -7.89 2.20
N LYS B 34 -30.52 -8.11 0.91
CA LYS B 34 -30.68 -9.46 0.39
C LYS B 34 -29.33 -10.18 0.31
N ASN B 35 -29.01 -10.92 1.36
CA ASN B 35 -27.76 -11.67 1.42
C ASN B 35 -27.58 -12.54 0.20
N LEU B 36 -26.52 -12.29 -0.56
CA LEU B 36 -26.33 -12.97 -1.84
C LEU B 36 -25.67 -14.33 -1.69
N VAL B 37 -25.48 -14.76 -0.45
CA VAL B 37 -24.84 -16.04 -0.22
C VAL B 37 -25.37 -16.72 1.04
N PRO B 38 -26.36 -17.60 0.88
CA PRO B 38 -27.01 -18.31 1.98
C PRO B 38 -26.04 -18.89 3.03
N GLY B 39 -26.35 -18.62 4.29
CA GLY B 39 -25.58 -19.14 5.39
C GLY B 39 -24.17 -18.56 5.47
N GLN B 40 -23.90 -17.50 4.72
CA GLN B 40 -22.59 -16.87 4.77
C GLN B 40 -22.58 -15.58 5.58
N ARG B 41 -22.11 -15.66 6.82
CA ARG B 41 -22.23 -14.55 7.76
C ARG B 41 -20.94 -13.82 8.10
N VAL B 42 -20.86 -12.57 7.66
CA VAL B 42 -19.70 -11.72 7.87
C VAL B 42 -19.99 -10.65 8.92
N TYR B 43 -19.06 -10.42 9.82
CA TYR B 43 -19.14 -9.33 10.79
C TYR B 43 -19.99 -9.61 12.03
N GLY B 44 -20.40 -10.87 12.18
CA GLY B 44 -21.13 -11.29 13.35
C GLY B 44 -22.59 -10.97 13.19
N GLU B 45 -23.07 -11.04 11.95
CA GLU B 45 -24.34 -10.44 11.59
C GLU B 45 -25.53 -10.85 12.43
N ARG B 46 -26.57 -10.04 12.34
CA ARG B 46 -27.92 -10.44 12.66
C ARG B 46 -28.58 -10.70 11.33
N VAL B 47 -28.99 -11.93 11.08
CA VAL B 47 -29.70 -12.23 9.84
C VAL B 47 -31.13 -12.64 10.14
N ILE B 48 -31.89 -12.95 9.10
CA ILE B 48 -33.28 -13.36 9.29
C ILE B 48 -33.73 -14.16 8.08
N LYS B 49 -35.02 -14.51 8.05
CA LYS B 49 -35.52 -15.43 7.06
C LYS B 49 -37.02 -15.33 7.01
N TRP B 50 -37.57 -15.10 5.82
CA TRP B 50 -38.99 -14.83 5.66
C TRP B 50 -39.74 -16.05 5.15
N GLU B 51 -39.84 -16.14 3.83
CA GLU B 51 -40.49 -17.27 3.19
C GLU B 51 -39.45 -18.15 2.50
N GLY B 52 -38.19 -17.96 2.87
CA GLY B 52 -37.10 -18.75 2.32
C GLY B 52 -35.85 -17.96 1.95
N GLU B 53 -35.83 -16.66 2.28
CA GLU B 53 -34.70 -15.80 1.93
C GLU B 53 -34.00 -15.21 3.16
N GLU B 54 -32.68 -15.07 3.08
CA GLU B 54 -31.84 -14.72 4.23
C GLU B 54 -31.43 -13.24 4.25
N TYR B 55 -32.39 -12.35 4.50
CA TYR B 55 -32.11 -10.93 4.54
C TYR B 55 -31.17 -10.63 5.70
N ARG B 56 -30.16 -9.80 5.48
CA ARG B 56 -29.21 -9.53 6.56
C ARG B 56 -29.43 -8.17 7.21
N ILE B 57 -29.10 -8.06 8.49
CA ILE B 57 -29.27 -6.81 9.23
C ILE B 57 -28.11 -5.88 8.95
N TRP B 58 -28.37 -4.77 8.26
CA TRP B 58 -27.30 -3.84 8.00
C TRP B 58 -27.15 -2.88 9.19
N ASN B 59 -26.68 -3.42 10.31
CA ASN B 59 -26.40 -2.63 11.49
C ASN B 59 -25.47 -1.46 11.19
N PRO B 60 -25.94 -0.24 11.48
CA PRO B 60 -25.27 1.03 11.16
C PRO B 60 -24.15 1.42 12.13
N HIS B 61 -24.13 0.89 13.34
CA HIS B 61 -22.98 1.14 14.20
C HIS B 61 -21.72 0.57 13.54
N ARG B 62 -21.89 -0.58 12.89
CA ARG B 62 -20.78 -1.29 12.27
C ARG B 62 -20.39 -0.68 10.92
N SER B 63 -21.37 -0.28 10.14
CA SER B 63 -21.10 0.33 8.84
C SER B 63 -21.43 1.81 8.90
N LYS B 64 -20.74 2.61 8.08
CA LYS B 64 -21.01 4.03 8.09
C LYS B 64 -22.07 4.36 7.05
N LEU B 65 -22.47 3.36 6.27
CA LEU B 65 -23.54 3.53 5.29
C LEU B 65 -24.90 3.21 5.92
N GLY B 66 -24.92 2.16 6.75
CA GLY B 66 -26.06 1.92 7.61
C GLY B 66 -26.59 3.27 8.01
N ALA B 67 -25.70 4.08 8.59
CA ALA B 67 -25.99 5.44 9.01
C ALA B 67 -26.57 6.30 7.91
N ALA B 68 -25.80 6.47 6.82
CA ALA B 68 -26.24 7.32 5.72
C ALA B 68 -27.67 6.99 5.30
N ILE B 69 -27.94 5.69 5.19
CA ILE B 69 -29.23 5.15 4.78
C ILE B 69 -30.31 5.23 5.86
N VAL B 70 -29.98 4.79 7.07
CA VAL B 70 -30.92 4.85 8.18
C VAL B 70 -31.21 6.28 8.55
N ASN B 71 -30.20 7.13 8.42
CA ASN B 71 -30.44 8.56 8.55
C ASN B 71 -31.17 9.14 7.34
N GLY B 72 -31.51 8.28 6.37
CA GLY B 72 -32.34 8.64 5.24
C GLY B 72 -31.68 9.24 4.01
N LEU B 73 -30.82 8.46 3.38
CA LEU B 73 -30.09 8.93 2.21
C LEU B 73 -31.05 9.10 1.04
N LYS B 74 -30.76 10.07 0.18
CA LYS B 74 -31.65 10.35 -0.94
C LYS B 74 -31.18 9.65 -2.23
N ASN B 75 -29.93 9.88 -2.61
CA ASN B 75 -29.39 9.29 -3.81
C ASN B 75 -28.31 8.27 -3.46
N PHE B 76 -28.59 7.01 -3.83
CA PHE B 76 -27.81 5.87 -3.42
C PHE B 76 -27.37 5.16 -4.68
N PRO B 77 -26.37 5.72 -5.39
CA PRO B 77 -26.05 5.36 -6.78
C PRO B 77 -25.77 3.87 -6.93
N ILE B 78 -25.57 3.19 -5.79
CA ILE B 78 -25.31 1.77 -5.76
C ILE B 78 -26.59 0.98 -6.02
N LYS B 79 -26.92 0.80 -7.28
CA LYS B 79 -28.07 -0.01 -7.65
C LYS B 79 -27.60 -1.45 -7.74
N PRO B 80 -28.47 -2.34 -8.20
CA PRO B 80 -27.95 -3.65 -8.59
C PRO B 80 -27.43 -3.66 -10.04
N GLY B 81 -26.36 -4.43 -10.27
CA GLY B 81 -25.69 -4.50 -11.56
C GLY B 81 -24.50 -3.55 -11.63
N LYS B 82 -24.60 -2.46 -10.87
CA LYS B 82 -23.60 -1.38 -10.92
C LYS B 82 -22.25 -1.78 -10.32
N SER B 83 -21.24 -1.89 -11.17
CA SER B 83 -19.88 -2.13 -10.68
C SER B 83 -19.36 -0.89 -9.95
N VAL B 84 -18.67 -1.09 -8.83
CA VAL B 84 -18.19 0.04 -8.06
C VAL B 84 -16.77 -0.16 -7.58
N LEU B 85 -15.94 0.88 -7.70
CA LEU B 85 -14.64 0.86 -7.03
C LEU B 85 -14.89 1.23 -5.56
N TYR B 86 -14.08 0.68 -4.66
CA TYR B 86 -14.29 0.83 -3.23
C TYR B 86 -12.96 0.98 -2.52
N LEU B 87 -12.71 2.16 -1.99
CA LEU B 87 -11.47 2.45 -1.27
C LEU B 87 -11.61 2.23 0.24
N GLY B 88 -11.55 0.98 0.70
CA GLY B 88 -11.54 0.72 2.11
C GLY B 88 -11.99 -0.66 2.54
N ILE B 89 -12.39 -1.49 1.60
CA ILE B 89 -13.04 -2.77 1.88
C ILE B 89 -12.72 -3.59 3.16
N ALA B 90 -11.65 -3.23 3.87
CA ALA B 90 -11.27 -3.84 5.16
C ALA B 90 -11.89 -5.21 5.46
N SER B 91 -12.22 -5.46 6.73
CA SER B 91 -12.71 -6.76 7.19
C SER B 91 -13.78 -7.33 6.27
N GLY B 92 -14.41 -6.46 5.49
CA GLY B 92 -15.52 -6.85 4.62
C GLY B 92 -16.92 -6.39 5.05
N THR B 93 -17.04 -5.75 6.21
CA THR B 93 -18.34 -5.47 6.83
C THR B 93 -19.24 -4.49 6.11
N THR B 94 -18.84 -3.22 6.20
CA THR B 94 -19.56 -2.09 5.61
C THR B 94 -19.66 -2.22 4.08
N ALA B 95 -19.31 -3.39 3.58
CA ALA B 95 -19.01 -3.61 2.17
C ALA B 95 -19.49 -4.98 1.73
N SER B 96 -19.85 -5.82 2.70
CA SER B 96 -20.51 -7.08 2.41
C SER B 96 -21.92 -6.78 1.87
N HIS B 97 -22.64 -5.92 2.58
CA HIS B 97 -23.97 -5.52 2.16
C HIS B 97 -23.91 -5.09 0.71
N VAL B 98 -23.06 -4.12 0.40
CA VAL B 98 -22.99 -3.56 -0.97
C VAL B 98 -22.69 -4.60 -2.06
N SER B 99 -22.30 -5.82 -1.66
CA SER B 99 -22.21 -6.93 -2.61
C SER B 99 -23.60 -7.51 -2.84
N ASP B 100 -24.35 -7.66 -1.75
CA ASP B 100 -25.74 -8.11 -1.80
C ASP B 100 -26.61 -7.27 -2.75
N ILE B 101 -26.67 -5.95 -2.51
CA ILE B 101 -27.38 -4.98 -3.37
C ILE B 101 -27.08 -5.08 -4.86
N VAL B 102 -25.79 -5.25 -5.17
CA VAL B 102 -25.25 -5.19 -6.52
C VAL B 102 -25.68 -6.39 -7.36
N GLY B 103 -25.50 -7.58 -6.82
CA GLY B 103 -25.95 -8.77 -7.49
C GLY B 103 -24.88 -9.38 -8.37
N TRP B 104 -25.13 -10.60 -8.79
CA TRP B 104 -24.17 -11.34 -9.60
C TRP B 104 -23.97 -10.65 -10.95
N GLU B 105 -24.70 -9.56 -11.18
CA GLU B 105 -24.51 -8.78 -12.39
C GLU B 105 -23.64 -7.56 -12.12
N GLY B 106 -23.57 -7.14 -10.86
CA GLY B 106 -22.72 -6.03 -10.47
C GLY B 106 -21.29 -6.45 -10.21
N LYS B 107 -20.46 -5.51 -9.74
CA LYS B 107 -19.04 -5.78 -9.47
C LYS B 107 -18.49 -4.88 -8.34
N ILE B 108 -17.44 -5.32 -7.67
CA ILE B 108 -16.73 -4.46 -6.71
C ILE B 108 -15.21 -4.69 -6.71
N TYR B 109 -14.44 -3.61 -6.86
CA TYR B 109 -13.01 -3.69 -6.63
C TYR B 109 -12.68 -2.99 -5.31
N GLY B 110 -12.38 -3.77 -4.27
CA GLY B 110 -12.15 -3.22 -2.93
C GLY B 110 -10.67 -3.14 -2.57
N ILE B 111 -10.29 -2.15 -1.76
CA ILE B 111 -8.90 -1.69 -1.73
C ILE B 111 -8.19 -1.28 -0.37
N GLU B 112 -8.67 -1.70 0.80
CA GLU B 112 -7.93 -1.37 2.04
C GLU B 112 -6.55 -2.03 2.03
N PHE B 113 -5.53 -1.25 2.39
CA PHE B 113 -4.13 -1.63 2.19
C PHE B 113 -3.41 -2.35 3.34
N SER B 114 -4.09 -2.70 4.41
CA SER B 114 -3.39 -3.40 5.46
C SER B 114 -3.67 -4.89 5.35
N PRO B 115 -2.71 -5.64 4.82
CA PRO B 115 -2.92 -7.06 4.51
C PRO B 115 -3.43 -7.80 5.72
N ARG B 116 -2.88 -7.46 6.88
CA ARG B 116 -3.24 -8.11 8.14
C ARG B 116 -4.77 -8.24 8.19
N VAL B 117 -5.45 -7.21 7.69
CA VAL B 117 -6.89 -7.08 7.76
C VAL B 117 -7.57 -7.73 6.58
N LEU B 118 -7.36 -7.14 5.42
CA LEU B 118 -7.83 -7.66 4.15
C LEU B 118 -7.84 -9.18 4.18
N ARG B 119 -6.78 -9.73 4.75
CA ARG B 119 -6.54 -11.18 4.76
C ARG B 119 -7.76 -11.98 5.13
N GLU B 120 -8.73 -11.34 5.76
CA GLU B 120 -9.90 -12.03 6.26
C GLU B 120 -11.00 -12.06 5.19
N LEU B 121 -11.06 -11.01 4.39
CA LEU B 121 -12.04 -10.90 3.32
C LEU B 121 -11.72 -11.87 2.19
N VAL B 122 -10.57 -12.51 2.28
CA VAL B 122 -10.10 -13.39 1.21
C VAL B 122 -10.93 -14.67 1.09
N PRO B 123 -11.23 -15.33 2.23
CA PRO B 123 -12.21 -16.43 2.26
C PRO B 123 -13.60 -16.04 1.70
N ILE B 124 -14.19 -15.00 2.27
CA ILE B 124 -15.47 -14.51 1.81
C ILE B 124 -15.62 -14.57 0.28
N VAL B 125 -14.61 -14.12 -0.46
CA VAL B 125 -14.72 -14.03 -1.92
C VAL B 125 -14.68 -15.37 -2.64
N GLU B 126 -14.69 -16.46 -1.87
CA GLU B 126 -14.75 -17.80 -2.46
C GLU B 126 -16.17 -18.09 -2.97
N GLU B 127 -17.17 -17.86 -2.12
CA GLU B 127 -18.56 -17.99 -2.53
C GLU B 127 -19.10 -16.62 -2.92
N ARG B 128 -18.72 -15.59 -2.18
CA ARG B 128 -19.10 -14.26 -2.58
C ARG B 128 -18.18 -13.85 -3.71
N ARG B 129 -18.30 -14.53 -4.85
CA ARG B 129 -17.41 -14.33 -6.01
C ARG B 129 -17.66 -12.99 -6.68
N ASN B 130 -18.18 -12.04 -5.90
CA ASN B 130 -18.61 -10.76 -6.42
C ASN B 130 -17.86 -9.59 -5.78
N ILE B 131 -16.58 -9.80 -5.50
CA ILE B 131 -15.67 -8.77 -5.00
C ILE B 131 -14.21 -9.19 -5.29
N ILE B 132 -13.38 -8.25 -5.68
CA ILE B 132 -11.95 -8.55 -5.87
C ILE B 132 -11.12 -8.00 -4.68
N PRO B 133 -10.54 -8.90 -3.86
CA PRO B 133 -9.85 -8.50 -2.63
C PRO B 133 -8.50 -7.92 -2.90
N ILE B 134 -8.43 -6.79 -3.59
CA ILE B 134 -7.14 -6.21 -3.97
C ILE B 134 -6.40 -5.61 -2.78
N LEU B 135 -5.33 -6.23 -2.32
CA LEU B 135 -4.42 -5.47 -1.47
C LEU B 135 -3.89 -4.40 -2.41
N GLY B 136 -4.10 -3.14 -2.05
CA GLY B 136 -3.71 -2.02 -2.89
C GLY B 136 -3.60 -0.76 -2.09
N ASP B 137 -3.28 0.36 -2.74
CA ASP B 137 -3.22 1.65 -2.07
C ASP B 137 -3.91 2.68 -2.96
N ALA B 138 -4.81 3.47 -2.38
CA ALA B 138 -5.60 4.37 -3.19
C ALA B 138 -5.08 5.80 -3.16
N THR B 139 -3.89 6.00 -2.59
CA THR B 139 -3.21 7.27 -2.76
C THR B 139 -2.38 7.12 -4.03
N LYS B 140 -1.90 5.91 -4.26
CA LYS B 140 -1.18 5.54 -5.48
C LYS B 140 -2.12 4.78 -6.40
N PRO B 141 -2.95 5.49 -7.16
CA PRO B 141 -3.87 4.74 -8.01
C PRO B 141 -3.21 3.86 -9.08
N GLU B 142 -2.17 4.35 -9.78
CA GLU B 142 -1.64 3.61 -10.93
C GLU B 142 -1.36 2.16 -10.56
N GLU B 143 -0.90 1.96 -9.32
CA GLU B 143 -0.39 0.68 -8.89
C GLU B 143 -1.39 -0.48 -8.85
N TYR B 144 -2.62 -0.24 -9.29
CA TYR B 144 -3.56 -1.33 -9.57
C TYR B 144 -4.30 -1.08 -10.85
N ARG B 145 -3.59 -0.55 -11.83
CA ARG B 145 -4.15 -0.26 -13.13
C ARG B 145 -4.52 -1.55 -13.89
N ALA B 146 -4.26 -2.70 -13.27
CA ALA B 146 -4.39 -4.01 -13.94
C ALA B 146 -5.38 -5.01 -13.31
N LEU B 147 -5.97 -4.63 -12.19
CA LEU B 147 -6.88 -5.53 -11.50
C LEU B 147 -8.22 -4.86 -11.23
N VAL B 148 -8.44 -3.70 -11.87
CA VAL B 148 -9.74 -3.02 -11.84
C VAL B 148 -10.14 -2.72 -13.26
N THR B 149 -11.36 -2.20 -13.44
CA THR B 149 -11.78 -1.62 -14.71
C THR B 149 -12.69 -0.44 -14.43
N LYS B 150 -12.98 0.35 -15.45
CA LYS B 150 -13.87 1.47 -15.30
C LYS B 150 -15.10 1.05 -14.47
N VAL B 151 -15.35 1.72 -13.36
CA VAL B 151 -16.50 1.39 -12.50
C VAL B 151 -17.66 2.32 -12.75
N ASP B 152 -18.72 2.17 -11.94
CA ASP B 152 -19.82 3.11 -12.03
C ASP B 152 -19.90 3.95 -10.78
N VAL B 153 -19.37 3.44 -9.67
CA VAL B 153 -19.42 4.19 -8.41
C VAL B 153 -18.17 4.02 -7.58
N ILE B 154 -17.43 5.12 -7.38
CA ILE B 154 -16.32 5.07 -6.45
C ILE B 154 -16.85 5.33 -5.07
N PHE B 155 -16.57 4.42 -4.13
CA PHE B 155 -16.94 4.62 -2.73
C PHE B 155 -15.73 4.63 -1.80
N GLU B 156 -15.42 5.81 -1.28
CA GLU B 156 -14.21 6.00 -0.49
C GLU B 156 -14.46 6.15 1.00
N ASP B 157 -13.81 5.25 1.72
CA ASP B 157 -13.88 5.15 3.16
C ASP B 157 -12.41 4.89 3.50
N VAL B 158 -11.66 5.97 3.74
CA VAL B 158 -10.25 5.83 4.10
C VAL B 158 -9.82 6.85 5.12
N ALA B 159 -9.10 6.39 6.13
CA ALA B 159 -8.65 7.30 7.14
C ALA B 159 -7.54 8.23 6.62
N GLN B 160 -7.44 8.41 5.31
CA GLN B 160 -6.46 9.36 4.80
C GLN B 160 -6.91 10.80 5.13
N PRO B 161 -5.99 11.78 5.07
CA PRO B 161 -6.39 13.14 5.40
C PRO B 161 -6.57 13.94 4.12
N THR B 162 -6.35 13.30 2.97
CA THR B 162 -6.52 13.95 1.68
C THR B 162 -7.65 13.29 0.94
N GLN B 163 -8.63 12.77 1.67
CA GLN B 163 -9.75 12.08 1.05
C GLN B 163 -10.15 12.82 -0.22
N ALA B 164 -10.12 14.16 -0.17
CA ALA B 164 -10.54 14.97 -1.31
C ALA B 164 -9.87 14.61 -2.64
N LYS B 165 -8.57 14.82 -2.74
CA LYS B 165 -7.84 14.53 -3.98
C LYS B 165 -7.74 13.04 -4.28
N ILE B 166 -7.96 12.21 -3.26
CA ILE B 166 -7.97 10.75 -3.47
C ILE B 166 -9.20 10.41 -4.28
N LEU B 167 -10.35 10.89 -3.81
CA LEU B 167 -11.58 10.60 -4.51
C LEU B 167 -11.46 11.11 -5.92
N ILE B 168 -11.14 12.40 -6.04
CA ILE B 168 -10.98 13.03 -7.35
C ILE B 168 -10.10 12.22 -8.31
N ASP B 169 -8.98 11.70 -7.82
CA ASP B 169 -7.99 11.04 -8.66
C ASP B 169 -8.35 9.59 -9.04
N ASN B 170 -8.81 8.79 -8.07
CA ASN B 170 -9.38 7.49 -8.43
C ASN B 170 -10.48 7.69 -9.46
N ALA B 171 -11.25 8.76 -9.25
CA ALA B 171 -12.33 9.15 -10.13
C ALA B 171 -11.80 9.37 -11.54
N LYS B 172 -10.83 10.27 -11.70
CA LYS B 172 -10.33 10.59 -13.03
C LYS B 172 -9.73 9.37 -13.70
N ALA B 173 -9.53 8.30 -12.94
CA ALA B 173 -8.93 7.10 -13.48
C ALA B 173 -9.95 6.04 -13.93
N TYR B 174 -10.94 5.76 -13.10
CA TYR B 174 -11.79 4.59 -13.28
C TYR B 174 -13.31 4.84 -13.31
N LEU B 175 -13.72 6.11 -13.29
CA LEU B 175 -15.14 6.44 -13.13
C LEU B 175 -15.80 6.92 -14.42
N LYS B 176 -16.62 6.07 -15.05
CA LYS B 176 -17.27 6.41 -16.31
C LYS B 176 -17.94 7.77 -16.19
N ARG B 177 -17.91 8.58 -17.26
CA ARG B 177 -18.71 9.79 -17.27
C ARG B 177 -20.10 9.39 -16.83
N GLY B 178 -20.77 10.25 -16.08
CA GLY B 178 -22.11 9.92 -15.62
C GLY B 178 -22.09 8.98 -14.44
N GLY B 179 -20.89 8.54 -14.05
CA GLY B 179 -20.78 7.72 -12.87
C GLY B 179 -20.91 8.63 -11.69
N TYR B 180 -20.95 8.06 -10.50
CA TYR B 180 -21.11 8.84 -9.27
C TYR B 180 -19.94 8.57 -8.35
N GLY B 181 -20.09 8.94 -7.09
CA GLY B 181 -19.03 8.74 -6.13
C GLY B 181 -19.50 9.06 -4.73
N MET B 182 -19.08 8.27 -3.76
CA MET B 182 -19.54 8.47 -2.38
C MET B 182 -18.38 8.39 -1.41
N ILE B 183 -18.19 9.45 -0.64
CA ILE B 183 -17.05 9.53 0.24
C ILE B 183 -17.44 9.82 1.69
N ALA B 184 -17.45 8.79 2.53
CA ALA B 184 -17.69 8.95 3.95
C ALA B 184 -16.55 9.76 4.55
N VAL B 185 -16.75 11.07 4.68
CA VAL B 185 -15.69 11.96 5.15
C VAL B 185 -15.68 12.21 6.65
N LYS B 186 -14.55 11.93 7.29
CA LYS B 186 -14.36 12.29 8.69
C LYS B 186 -13.85 13.71 8.72
N SER B 187 -14.17 14.44 9.78
CA SER B 187 -13.91 15.87 9.79
C SER B 187 -12.48 16.16 10.13
N ARG B 188 -12.05 15.63 11.29
CA ARG B 188 -10.69 15.83 11.80
C ARG B 188 -9.68 15.03 10.98
N SER B 189 -10.13 13.89 10.47
CA SER B 189 -9.37 13.08 9.51
C SER B 189 -8.71 14.01 8.50
N ILE B 190 -9.41 15.06 8.13
CA ILE B 190 -8.92 16.02 7.15
C ILE B 190 -8.20 17.16 7.82
N ASP B 191 -8.63 17.49 9.03
CA ASP B 191 -8.02 18.57 9.79
C ASP B 191 -8.36 18.44 11.26
N VAL B 192 -7.34 18.35 12.09
CA VAL B 192 -7.53 18.14 13.52
C VAL B 192 -7.54 19.47 14.27
N THR B 193 -7.51 20.57 13.53
CA THR B 193 -7.49 21.90 14.12
C THR B 193 -8.60 22.80 13.57
N LYS B 194 -9.21 22.36 12.47
CA LYS B 194 -10.21 23.14 11.76
C LYS B 194 -11.65 22.66 12.05
N GLU B 195 -12.54 23.60 12.39
CA GLU B 195 -13.92 23.31 12.78
C GLU B 195 -14.68 22.49 11.75
N PRO B 196 -15.44 21.47 12.20
CA PRO B 196 -16.05 20.50 11.27
C PRO B 196 -16.91 21.17 10.22
N GLU B 197 -17.85 22.00 10.68
CA GLU B 197 -18.72 22.76 9.79
C GLU B 197 -17.91 23.50 8.72
N GLN B 198 -16.77 24.04 9.13
CA GLN B 198 -15.90 24.80 8.25
C GLN B 198 -15.12 23.89 7.31
N VAL B 199 -14.86 22.66 7.76
CA VAL B 199 -14.15 21.71 6.91
C VAL B 199 -15.02 21.26 5.75
N PHE B 200 -16.23 20.78 6.06
CA PHE B 200 -17.13 20.29 5.02
C PHE B 200 -17.43 21.34 3.97
N LYS B 201 -17.26 22.61 4.32
CA LYS B 201 -17.44 23.69 3.36
C LYS B 201 -16.24 23.70 2.42
N GLU B 202 -15.08 23.32 2.93
CA GLU B 202 -13.86 23.26 2.14
C GLU B 202 -13.75 21.96 1.34
N VAL B 203 -14.36 20.90 1.86
CA VAL B 203 -14.39 19.62 1.14
C VAL B 203 -15.36 19.74 -0.03
N GLU B 204 -16.60 20.07 0.28
CA GLU B 204 -17.62 20.32 -0.74
C GLU B 204 -17.10 21.32 -1.78
N ARG B 205 -16.16 22.17 -1.35
CA ARG B 205 -15.52 23.13 -2.24
C ARG B 205 -14.61 22.40 -3.20
N GLU B 206 -13.44 21.99 -2.69
CA GLU B 206 -12.42 21.31 -3.48
C GLU B 206 -13.03 20.19 -4.31
N LEU B 207 -13.80 19.35 -3.63
CA LEU B 207 -14.50 18.22 -4.23
C LEU B 207 -15.28 18.60 -5.49
N SER B 208 -16.01 19.72 -5.41
CA SER B 208 -16.94 20.12 -6.46
C SER B 208 -16.28 21.02 -7.49
N GLU B 209 -14.96 21.00 -7.51
CA GLU B 209 -14.21 21.73 -8.51
C GLU B 209 -13.93 20.81 -9.71
N TYR B 210 -14.49 19.60 -9.63
CA TYR B 210 -14.30 18.54 -10.63
C TYR B 210 -15.61 17.75 -10.73
N PHE B 211 -16.46 17.92 -9.72
CA PHE B 211 -17.67 17.13 -9.60
C PHE B 211 -18.95 17.98 -9.66
N GLU B 212 -20.08 17.31 -9.83
CA GLU B 212 -21.37 17.94 -9.58
C GLU B 212 -21.84 17.47 -8.22
N VAL B 213 -21.73 18.31 -7.20
CA VAL B 213 -22.08 17.91 -5.83
C VAL B 213 -23.58 17.63 -5.68
N ILE B 214 -23.94 16.36 -5.46
CA ILE B 214 -25.33 15.98 -5.33
C ILE B 214 -25.92 16.21 -3.94
N GLU B 215 -25.18 15.84 -2.90
CA GLU B 215 -25.76 15.83 -1.56
C GLU B 215 -24.77 15.63 -0.42
N ARG B 216 -24.81 16.53 0.55
CA ARG B 216 -23.92 16.52 1.71
C ARG B 216 -24.65 16.01 2.94
N LEU B 217 -24.55 14.71 3.22
CA LEU B 217 -25.37 14.09 4.26
C LEU B 217 -24.69 13.78 5.60
N ASN B 218 -25.16 14.41 6.68
CA ASN B 218 -24.61 14.12 8.00
C ASN B 218 -24.91 12.73 8.56
N LEU B 219 -24.12 12.34 9.58
CA LEU B 219 -24.12 10.99 10.11
C LEU B 219 -24.32 10.93 11.63
N GLU B 220 -24.23 12.05 12.33
CA GLU B 220 -24.69 12.07 13.73
C GLU B 220 -26.02 11.28 13.85
N PRO B 221 -26.22 10.50 14.92
CA PRO B 221 -25.41 10.24 16.11
C PRO B 221 -24.76 8.86 16.01
N TYR B 222 -24.52 8.40 14.78
CA TYR B 222 -23.82 7.14 14.59
C TYR B 222 -22.34 7.40 14.53
N GLU B 223 -21.98 8.58 14.04
CA GLU B 223 -20.58 8.96 14.01
C GLU B 223 -20.45 10.47 14.09
N LYS B 224 -19.73 10.95 15.09
CA LYS B 224 -19.41 12.37 15.18
C LYS B 224 -18.76 12.79 13.88
N ASP B 225 -18.92 14.07 13.54
CA ASP B 225 -18.38 14.70 12.32
C ASP B 225 -18.08 13.79 11.12
N HIS B 226 -19.01 12.88 10.81
CA HIS B 226 -18.95 12.09 9.60
C HIS B 226 -20.02 12.59 8.64
N ALA B 227 -19.81 12.43 7.33
CA ALA B 227 -20.72 13.06 6.37
C ALA B 227 -20.64 12.52 4.95
N LEU B 228 -21.43 11.48 4.64
CA LEU B 228 -21.43 10.82 3.31
C LEU B 228 -21.87 11.66 2.06
N PHE B 229 -20.92 12.42 1.50
CA PHE B 229 -21.11 13.17 0.26
C PHE B 229 -21.46 12.23 -0.88
N VAL B 230 -22.05 12.78 -1.95
CA VAL B 230 -22.33 12.00 -3.16
C VAL B 230 -22.12 12.83 -4.41
N VAL B 231 -20.93 12.72 -4.99
CA VAL B 231 -20.57 13.48 -6.17
C VAL B 231 -21.00 12.79 -7.46
N ARG B 232 -21.27 13.58 -8.49
CA ARG B 232 -21.52 13.03 -9.82
C ARG B 232 -20.55 13.63 -10.84
N LYS B 233 -19.97 12.76 -11.65
CA LYS B 233 -18.98 13.13 -12.65
C LYS B 233 -19.66 13.54 -13.95
N PRO B 234 -19.69 14.85 -14.24
CA PRO B 234 -20.43 15.36 -15.40
C PRO B 234 -19.85 14.86 -16.71
#